data_9C7D
#
_entry.id   9C7D
#
_cell.length_a   73.803
_cell.length_b   76.355
_cell.length_c   88.797
_cell.angle_alpha   90.000
_cell.angle_beta   90.000
_cell.angle_gamma   90.000
#
_symmetry.space_group_name_H-M   'P 21 21 21'
#
loop_
_entity.id
_entity.type
_entity.pdbx_description
1 polymer 'Monoclonal antibody MAD22-38 Fab Heavy Chain'
2 polymer 'Monoclonal antibody MAD22-38 Fab Light Chain'
3 polymer 'Circumsporozoite protein'
4 branched alpha-D-mannopyranose-(1-3)-[alpha-D-mannopyranose-(1-6)]beta-D-mannopyranose-(1-4)-2-acetamido-2-deoxy-beta-D-glucopyranose-(1-4)-[alpha-L-fucopyranose-(1-6)]2-acetamido-2-deoxy-beta-D-glucopyranose
5 water water
#
loop_
_entity_poly.entity_id
_entity_poly.type
_entity_poly.pdbx_seq_one_letter_code
_entity_poly.pdbx_strand_id
1 'polypeptide(L)'
;QLQLQESGPGLVKPAETLSLTCTVSGGSISSSSYYWGWIRQPPGKGLEWIGSIYYTGSTYYNPSLKSRVTISVDTSKNQF
SLKLRSVTAADTAVYYCASIGWAVPGKRYYFDYWGQGTLVTVSSASTKGPSVFPLAPSSKSTSGGTAALGCLVKDYFPEP
VTVSWNSGALTSGVHTFPAVLQSSGLYSLSSVVTVPSSSLGTQTYICNVNHKPSNTKVDKKVEPKSC
;
H
2 'polypeptide(L)'
;DIQMTQSPSSLSASVGDRVTITCRANHSISSYLNWYQQKPGKAPKLLIYAASSLQSGVPSFRFSGSGSGTDFTLTISSLQ
PEDFATYYCQQSYYTPWTFGPGTKVDIKRTVAAPSVFIFPPSDEQLKSGTASVVCLLNNFYPREAKVQWKVDNALQSGNS
QESVTEQDSKDSTYSLSSTLTLSKADYEKHKVYACEVTQGTTSVTKSFNRGEC
;
L
3 'polypeptide(L)' (PCA)PADGNPDPNANPNVDPN B
#
loop_
_chem_comp.id
_chem_comp.type
_chem_comp.name
_chem_comp.formula
BMA D-saccharide, beta linking beta-D-mannopyranose 'C6 H12 O6'
FUC L-saccharide, alpha linking alpha-L-fucopyranose 'C6 H12 O5'
MAN D-saccharide, alpha linking alpha-D-mannopyranose 'C6 H12 O6'
NAG D-saccharide, beta linking 2-acetamido-2-deoxy-beta-D-glucopyranose 'C8 H15 N O6'
#
# COMPACT_ATOMS: atom_id res chain seq x y z
N GLN A 1 18.85 -15.36 2.72
CA GLN A 1 18.23 -14.08 2.40
C GLN A 1 18.44 -13.77 0.91
N LEU A 2 17.34 -13.65 0.18
CA LEU A 2 17.35 -13.18 -1.20
C LEU A 2 16.74 -11.79 -1.22
N GLN A 3 17.15 -10.98 -2.20
CA GLN A 3 16.44 -9.75 -2.50
C GLN A 3 16.03 -9.79 -3.97
N LEU A 4 14.77 -9.50 -4.23
CA LEU A 4 14.24 -9.56 -5.57
C LEU A 4 13.87 -8.14 -5.94
N GLN A 5 14.40 -7.68 -7.07
CA GLN A 5 14.21 -6.31 -7.54
C GLN A 5 13.47 -6.33 -8.87
N GLU A 6 12.30 -5.72 -8.91
CA GLU A 6 11.55 -5.64 -10.16
C GLU A 6 11.85 -4.35 -10.89
N SER A 7 11.70 -4.39 -12.22
CA SER A 7 11.65 -3.13 -12.95
C SER A 7 10.45 -2.32 -12.48
N GLY A 8 10.54 -0.99 -12.62
CA GLY A 8 9.61 -0.11 -11.94
C GLY A 8 8.26 0.02 -12.63
N PRO A 9 7.37 0.77 -11.99
CA PRO A 9 5.99 0.85 -12.46
C PRO A 9 5.89 1.65 -13.75
N GLY A 10 4.78 1.43 -14.48
CA GLY A 10 4.48 2.30 -15.60
C GLY A 10 3.20 1.97 -16.32
N LEU A 11 2.99 2.72 -17.40
CA LEU A 11 1.86 2.60 -18.28
C LEU A 11 2.10 1.52 -19.31
N VAL A 12 1.04 0.81 -19.67
CA VAL A 12 1.04 -0.03 -20.85
C VAL A 12 -0.28 0.26 -21.58
N LYS A 13 -0.21 0.31 -22.91
CA LYS A 13 -1.38 0.71 -23.65
C LYS A 13 -2.34 -0.48 -23.83
N PRO A 14 -3.63 -0.23 -23.91
CA PRO A 14 -4.56 -1.32 -24.20
C PRO A 14 -4.07 -2.07 -25.45
N ALA A 15 -4.18 -3.40 -25.41
CA ALA A 15 -3.78 -4.31 -26.48
C ALA A 15 -2.26 -4.44 -26.70
N GLU A 16 -1.41 -3.71 -25.98
CA GLU A 16 0.01 -3.96 -26.18
C GLU A 16 0.53 -4.90 -25.11
N THR A 17 1.84 -5.11 -25.07
CA THR A 17 2.46 -6.16 -24.28
C THR A 17 3.14 -5.57 -23.04
N LEU A 18 2.72 -6.06 -21.86
CA LEU A 18 3.41 -5.78 -20.61
C LEU A 18 4.67 -6.61 -20.50
N SER A 19 5.78 -5.98 -20.11
CA SER A 19 7.04 -6.65 -19.96
C SER A 19 7.71 -6.26 -18.63
N LEU A 20 8.05 -7.25 -17.80
CA LEU A 20 8.66 -7.00 -16.49
C LEU A 20 9.87 -7.91 -16.29
N THR A 21 10.86 -7.43 -15.52
CA THR A 21 12.04 -8.20 -15.22
C THR A 21 12.30 -8.17 -13.72
N CYS A 22 12.74 -9.29 -13.18
CA CYS A 22 13.13 -9.39 -11.80
C CYS A 22 14.61 -9.74 -11.75
N THR A 23 15.39 -9.00 -11.00
CA THR A 23 16.78 -9.33 -10.75
C THR A 23 16.94 -9.87 -9.34
N VAL A 24 17.54 -11.04 -9.22
CA VAL A 24 17.73 -11.76 -7.96
C VAL A 24 19.13 -11.46 -7.42
N SER A 25 19.23 -11.05 -6.16
CA SER A 25 20.54 -10.88 -5.52
C SER A 25 20.52 -11.64 -4.19
N GLY A 26 21.71 -11.92 -3.66
CA GLY A 26 21.83 -12.75 -2.45
C GLY A 26 21.99 -14.24 -2.69
N GLY A 27 21.86 -14.69 -3.92
CA GLY A 27 22.01 -16.10 -4.26
C GLY A 27 21.87 -16.27 -5.75
N SER A 28 22.25 -17.46 -6.22
CA SER A 28 22.19 -17.72 -7.65
C SER A 28 20.76 -18.08 -8.05
N ILE A 29 20.35 -17.65 -9.25
CA ILE A 29 19.07 -18.12 -9.78
C ILE A 29 19.20 -19.54 -10.32
N SER A 30 20.42 -20.03 -10.53
CA SER A 30 20.64 -21.42 -10.93
C SER A 30 20.68 -22.31 -9.69
N SER A 31 19.51 -22.53 -9.11
CA SER A 31 19.41 -23.33 -7.90
C SER A 31 18.44 -24.45 -8.16
N SER A 32 18.82 -25.67 -7.81
CA SER A 32 17.86 -26.72 -8.07
C SER A 32 16.81 -26.83 -6.99
N SER A 33 16.76 -25.91 -6.03
CA SER A 33 15.78 -26.03 -4.97
C SER A 33 14.79 -24.87 -4.97
N TYR A 34 14.73 -24.10 -6.08
CA TYR A 34 13.84 -22.97 -6.25
C TYR A 34 13.17 -23.02 -7.61
N TYR A 35 11.93 -22.58 -7.68
CA TYR A 35 11.40 -22.00 -8.93
C TYR A 35 11.20 -20.52 -8.69
N TRP A 36 10.73 -19.82 -9.73
CA TRP A 36 10.72 -18.36 -9.74
C TRP A 36 9.44 -17.94 -10.43
N GLY A 37 8.64 -17.11 -9.78
CA GLY A 37 7.29 -16.88 -10.26
C GLY A 37 6.86 -15.44 -10.18
N TRP A 38 5.66 -15.22 -10.69
CA TRP A 38 5.02 -13.93 -10.78
C TRP A 38 3.62 -14.09 -10.22
N ILE A 39 3.20 -13.11 -9.44
CA ILE A 39 1.91 -13.09 -8.80
C ILE A 39 1.38 -11.70 -9.01
N ARG A 40 0.06 -11.54 -9.08
CA ARG A 40 -0.42 -10.18 -9.18
C ARG A 40 -1.60 -9.95 -8.25
N GLN A 41 -1.83 -8.68 -7.98
CA GLN A 41 -2.87 -8.22 -7.09
C GLN A 41 -3.50 -6.98 -7.69
N PRO A 42 -4.73 -7.11 -8.21
CA PRO A 42 -5.45 -5.92 -8.66
C PRO A 42 -5.71 -5.01 -7.48
N PRO A 43 -5.74 -3.70 -7.71
CA PRO A 43 -5.97 -2.78 -6.58
C PRO A 43 -7.25 -3.14 -5.82
N GLY A 44 -7.11 -3.28 -4.49
CA GLY A 44 -8.19 -3.63 -3.60
C GLY A 44 -8.61 -5.10 -3.60
N LYS A 45 -7.99 -5.95 -4.41
CA LYS A 45 -8.40 -7.35 -4.51
C LYS A 45 -7.32 -8.27 -3.92
N GLY A 46 -7.50 -9.58 -4.13
CA GLY A 46 -6.59 -10.58 -3.64
C GLY A 46 -5.51 -10.92 -4.65
N LEU A 47 -4.91 -12.08 -4.48
CA LEU A 47 -3.69 -12.44 -5.17
C LEU A 47 -3.97 -13.57 -6.14
N GLU A 48 -3.31 -13.52 -7.30
CA GLU A 48 -3.40 -14.54 -8.34
C GLU A 48 -2.02 -14.92 -8.81
N TRP A 49 -1.70 -16.21 -8.74
CA TRP A 49 -0.47 -16.75 -9.32
C TRP A 49 -0.54 -16.74 -10.86
N ILE A 50 0.47 -16.13 -11.49
CA ILE A 50 0.53 -16.03 -12.95
C ILE A 50 1.25 -17.23 -13.52
N GLY A 51 2.43 -17.53 -13.02
CA GLY A 51 3.21 -18.61 -13.58
C GLY A 51 4.60 -18.61 -13.00
N SER A 52 5.35 -19.64 -13.34
CA SER A 52 6.64 -19.89 -12.75
C SER A 52 7.60 -20.45 -13.79
N ILE A 53 8.88 -20.45 -13.42
CA ILE A 53 9.93 -20.94 -14.28
C ILE A 53 11.00 -21.58 -13.42
N TYR A 54 11.59 -22.64 -13.92
CA TYR A 54 12.75 -23.31 -13.35
C TYR A 54 13.99 -22.83 -14.09
N TYR A 55 15.15 -22.93 -13.44
CA TYR A 55 16.33 -22.29 -14.01
C TYR A 55 16.77 -22.91 -15.34
N THR A 56 16.22 -24.08 -15.70
CA THR A 56 16.44 -24.70 -17.00
C THR A 56 15.45 -24.25 -18.07
N GLY A 57 14.49 -23.40 -17.77
CA GLY A 57 13.59 -22.96 -18.80
C GLY A 57 12.20 -23.56 -18.78
N SER A 58 11.97 -24.66 -18.05
CA SER A 58 10.60 -25.19 -17.96
C SER A 58 9.69 -24.16 -17.30
N THR A 59 8.48 -24.04 -17.82
CA THR A 59 7.56 -23.02 -17.38
C THR A 59 6.22 -23.65 -17.06
N TYR A 60 5.45 -22.95 -16.22
CA TYR A 60 4.21 -23.43 -15.63
C TYR A 60 3.31 -22.22 -15.58
N TYR A 61 2.07 -22.36 -16.08
CA TYR A 61 1.24 -21.19 -16.29
C TYR A 61 -0.11 -21.44 -15.68
N ASN A 62 -0.71 -20.36 -15.19
CA ASN A 62 -2.10 -20.40 -14.76
C ASN A 62 -2.97 -20.48 -16.00
N PRO A 63 -3.87 -21.46 -16.11
CA PRO A 63 -4.70 -21.55 -17.32
C PRO A 63 -5.65 -20.37 -17.50
N SER A 64 -6.02 -19.65 -16.45
CA SER A 64 -6.73 -18.41 -16.69
C SER A 64 -5.94 -17.39 -17.52
N LEU A 65 -4.63 -17.64 -17.79
CA LEU A 65 -3.79 -16.68 -18.52
C LEU A 65 -2.82 -17.33 -19.51
N LYS A 66 -2.81 -18.67 -19.66
CA LYS A 66 -1.72 -19.40 -20.35
C LYS A 66 -1.48 -18.91 -21.78
N SER A 67 -2.55 -18.54 -22.49
CA SER A 67 -2.36 -18.09 -23.87
C SER A 67 -1.45 -16.86 -23.94
N ARG A 68 -1.68 -15.90 -23.05
CA ARG A 68 -1.10 -14.57 -23.16
C ARG A 68 0.22 -14.38 -22.43
N VAL A 69 0.67 -15.32 -21.64
CA VAL A 69 1.82 -15.06 -20.78
C VAL A 69 2.99 -15.86 -21.28
N THR A 70 4.16 -15.24 -21.26
CA THR A 70 5.42 -15.91 -21.43
C THR A 70 6.36 -15.46 -20.32
N ILE A 71 7.00 -16.43 -19.66
CA ILE A 71 8.01 -16.16 -18.65
C ILE A 71 9.32 -16.74 -19.15
N SER A 72 10.43 -16.04 -18.94
CA SER A 72 11.72 -16.56 -19.38
C SER A 72 12.77 -16.23 -18.35
N VAL A 73 13.93 -16.87 -18.48
CA VAL A 73 14.96 -16.83 -17.45
C VAL A 73 16.30 -16.57 -18.14
N ASP A 74 17.16 -15.80 -17.49
CA ASP A 74 18.50 -15.46 -17.99
C ASP A 74 19.47 -15.71 -16.84
N THR A 75 19.95 -16.94 -16.74
CA THR A 75 20.83 -17.31 -15.63
C THR A 75 22.14 -16.52 -15.65
N SER A 76 22.54 -16.00 -16.79
CA SER A 76 23.81 -15.28 -16.85
C SER A 76 23.74 -13.99 -16.04
N LYS A 77 22.63 -13.28 -16.13
CA LYS A 77 22.41 -12.04 -15.41
C LYS A 77 21.54 -12.20 -14.15
N ASN A 78 21.27 -13.43 -13.70
CA ASN A 78 20.48 -13.68 -12.49
C ASN A 78 19.10 -13.02 -12.57
N GLN A 79 18.44 -13.13 -13.72
CA GLN A 79 17.20 -12.46 -14.00
C GLN A 79 16.15 -13.43 -14.50
N PHE A 80 14.90 -13.08 -14.26
CA PHE A 80 13.82 -13.72 -14.98
C PHE A 80 12.76 -12.69 -15.27
N SER A 81 11.90 -12.98 -16.24
CA SER A 81 11.06 -11.92 -16.74
C SER A 81 9.70 -12.46 -17.13
N LEU A 82 8.80 -11.53 -17.39
CA LEU A 82 7.41 -11.82 -17.65
C LEU A 82 6.96 -10.94 -18.80
N LYS A 83 6.28 -11.54 -19.78
CA LYS A 83 5.59 -10.82 -20.84
C LYS A 83 4.14 -11.21 -20.84
N LEU A 84 3.25 -10.22 -20.87
CA LEU A 84 1.81 -10.43 -20.84
C LEU A 84 1.17 -9.73 -22.05
N ARG A 85 0.67 -10.50 -23.02
CA ARG A 85 0.26 -9.93 -24.28
C ARG A 85 -1.15 -9.39 -24.22
N SER A 86 -1.43 -8.43 -25.10
CA SER A 86 -2.79 -7.98 -25.40
C SER A 86 -3.54 -7.56 -24.15
N VAL A 87 -2.97 -6.59 -23.42
CA VAL A 87 -3.48 -6.28 -22.09
C VAL A 87 -4.77 -5.49 -22.17
N THR A 88 -5.56 -5.56 -21.11
CA THR A 88 -6.73 -4.72 -20.89
C THR A 88 -6.71 -4.16 -19.47
N ALA A 89 -7.75 -3.40 -19.09
CA ALA A 89 -7.83 -2.86 -17.74
C ALA A 89 -8.00 -3.95 -16.68
N ALA A 90 -8.36 -5.16 -17.07
CA ALA A 90 -8.40 -6.28 -16.14
C ALA A 90 -7.01 -6.67 -15.69
N ASP A 91 -5.98 -6.18 -16.35
CA ASP A 91 -4.62 -6.50 -16.04
C ASP A 91 -3.94 -5.44 -15.19
N THR A 92 -4.63 -4.35 -14.89
CA THR A 92 -4.06 -3.33 -14.04
C THR A 92 -3.89 -3.91 -12.65
N ALA A 93 -2.66 -3.93 -12.14
CA ALA A 93 -2.45 -4.58 -10.85
C ALA A 93 -1.01 -4.33 -10.41
N VAL A 94 -0.74 -4.64 -9.15
CA VAL A 94 0.63 -4.74 -8.66
C VAL A 94 1.13 -6.12 -9.01
N TYR A 95 2.26 -6.18 -9.69
CA TYR A 95 2.86 -7.45 -10.08
C TYR A 95 4.04 -7.69 -9.18
N TYR A 96 4.13 -8.89 -8.62
CA TYR A 96 5.20 -9.28 -7.71
C TYR A 96 5.98 -10.41 -8.35
N CYS A 97 7.30 -10.40 -8.21
CA CYS A 97 8.06 -11.61 -8.41
C CYS A 97 8.31 -12.27 -7.07
N ALA A 98 8.54 -13.58 -7.12
CA ALA A 98 8.71 -14.31 -5.88
C ALA A 98 9.54 -15.56 -6.13
N SER A 99 10.38 -15.92 -5.17
CA SER A 99 11.07 -17.21 -5.19
C SER A 99 10.12 -18.28 -4.62
N ILE A 100 10.19 -19.49 -5.16
CA ILE A 100 9.26 -20.56 -4.79
C ILE A 100 10.09 -21.74 -4.25
N GLY A 101 10.06 -21.93 -2.94
CA GLY A 101 10.67 -23.09 -2.34
C GLY A 101 9.60 -24.14 -2.08
N TRP A 102 10.01 -25.23 -1.40
CA TRP A 102 9.05 -26.20 -0.91
C TRP A 102 9.59 -26.90 0.32
N ALA A 103 8.65 -27.50 1.06
CA ALA A 103 8.91 -28.14 2.36
C ALA A 103 8.72 -29.64 2.20
N VAL A 104 9.82 -30.39 2.13
CA VAL A 104 9.65 -31.86 2.02
C VAL A 104 9.07 -32.36 3.33
N PRO A 105 8.50 -33.59 3.41
CA PRO A 105 8.13 -34.58 2.37
C PRO A 105 7.17 -33.98 1.41
N GLY A 106 7.31 -34.22 0.13
CA GLY A 106 6.37 -33.70 -0.84
C GLY A 106 6.76 -32.32 -1.32
N LYS A 107 6.17 -31.93 -2.45
CA LYS A 107 6.48 -30.63 -3.01
C LYS A 107 5.47 -29.63 -2.47
N ARG A 108 5.62 -29.30 -1.19
CA ARG A 108 4.72 -28.35 -0.51
C ARG A 108 5.26 -26.94 -0.74
N TYR A 109 4.92 -26.37 -1.91
CA TYR A 109 5.51 -25.11 -2.36
C TYR A 109 5.09 -23.97 -1.43
N TYR A 110 6.00 -23.01 -1.28
CA TYR A 110 5.71 -21.73 -0.65
C TYR A 110 6.42 -20.60 -1.41
N PHE A 111 5.89 -19.40 -1.25
CA PHE A 111 6.51 -18.19 -1.77
C PHE A 111 7.27 -17.52 -0.63
N ASP A 112 8.59 -17.73 -0.57
CA ASP A 112 9.28 -17.24 0.62
C ASP A 112 9.95 -15.87 0.46
N TYR A 113 10.40 -15.46 -0.72
CA TYR A 113 10.91 -14.10 -0.91
C TYR A 113 10.13 -13.45 -2.02
N TRP A 114 9.81 -12.16 -1.86
CA TRP A 114 8.94 -11.43 -2.78
C TRP A 114 9.64 -10.14 -3.15
N GLY A 115 9.43 -9.67 -4.39
CA GLY A 115 9.82 -8.32 -4.75
C GLY A 115 8.90 -7.31 -4.11
N GLN A 116 9.23 -6.03 -4.27
CA GLN A 116 8.47 -4.97 -3.62
C GLN A 116 7.10 -4.78 -4.28
N GLY A 117 6.93 -5.28 -5.48
CA GLY A 117 5.71 -5.11 -6.24
C GLY A 117 5.85 -3.93 -7.20
N THR A 118 5.33 -4.03 -8.43
CA THR A 118 5.34 -2.88 -9.34
C THR A 118 3.92 -2.71 -9.88
N LEU A 119 3.37 -1.50 -9.71
CA LEU A 119 2.03 -1.20 -10.18
C LEU A 119 2.04 -0.99 -11.69
N VAL A 120 1.28 -1.78 -12.43
CA VAL A 120 1.16 -1.63 -13.87
C VAL A 120 -0.23 -1.10 -14.18
N THR A 121 -0.30 -0.01 -14.94
CA THR A 121 -1.56 0.65 -15.27
C THR A 121 -1.80 0.48 -16.77
N VAL A 122 -2.92 -0.09 -17.16
CA VAL A 122 -3.26 -0.18 -18.58
C VAL A 122 -4.10 1.04 -18.93
N SER A 123 -3.61 1.86 -19.87
CA SER A 123 -4.32 3.12 -20.13
C SER A 123 -3.86 3.77 -21.42
N SER A 124 -4.75 4.60 -21.99
CA SER A 124 -4.43 5.37 -23.18
C SER A 124 -3.80 6.72 -22.88
N ALA A 125 -4.02 7.28 -21.68
CA ALA A 125 -3.43 8.58 -21.38
C ALA A 125 -1.91 8.49 -21.33
N SER A 126 -1.25 9.64 -21.36
CA SER A 126 0.21 9.70 -21.25
C SER A 126 0.63 10.01 -19.81
N THR A 127 1.92 9.82 -19.54
CA THR A 127 2.41 10.10 -18.20
C THR A 127 2.56 11.59 -17.96
N LYS A 128 2.35 12.00 -16.71
CA LYS A 128 2.62 13.38 -16.31
C LYS A 128 3.28 13.33 -14.95
N GLY A 129 4.46 13.92 -14.82
CA GLY A 129 5.12 14.01 -13.54
C GLY A 129 4.40 14.98 -12.62
N PRO A 130 4.69 14.91 -11.32
CA PRO A 130 3.92 15.72 -10.37
C PRO A 130 4.52 17.09 -10.14
N SER A 131 3.65 18.02 -9.77
CA SER A 131 4.06 19.30 -9.19
C SER A 131 4.00 19.18 -7.68
N VAL A 132 4.99 19.70 -6.96
CA VAL A 132 5.09 19.52 -5.52
C VAL A 132 5.08 20.89 -4.85
N PHE A 133 4.18 21.08 -3.87
CA PHE A 133 3.97 22.35 -3.12
C PHE A 133 4.13 22.12 -1.62
N PRO A 134 4.77 23.02 -0.91
CA PRO A 134 5.01 22.81 0.52
C PRO A 134 3.73 23.06 1.30
N LEU A 135 3.54 22.27 2.37
CA LEU A 135 2.51 22.57 3.36
C LEU A 135 3.25 23.06 4.61
N ALA A 136 3.22 24.36 4.83
CA ALA A 136 4.23 24.95 5.67
C ALA A 136 3.69 25.19 7.07
N PRO A 137 4.56 24.82 8.02
CA PRO A 137 4.26 25.00 9.43
C PRO A 137 4.49 26.45 9.84
N SER A 138 4.02 26.76 11.06
CA SER A 138 4.28 28.02 11.77
C SER A 138 3.77 27.88 13.21
N SER A 139 3.52 29.02 13.87
CA SER A 139 2.83 29.00 15.16
C SER A 139 1.41 28.46 15.00
N LYS A 140 0.79 28.67 13.83
CA LYS A 140 -0.56 28.26 13.48
C LYS A 140 -0.67 26.77 13.10
N SER A 141 0.42 26.02 13.15
CA SER A 141 0.34 24.57 12.98
C SER A 141 1.05 23.87 14.13
N THR A 142 1.00 24.45 15.31
CA THR A 142 1.76 24.01 16.47
C THR A 142 0.81 23.74 17.63
N SER A 143 0.69 22.45 17.99
CA SER A 143 -0.17 21.97 19.07
C SER A 143 0.73 21.71 20.27
N GLY A 144 0.73 22.65 21.21
CA GLY A 144 1.77 22.70 22.20
C GLY A 144 3.13 22.79 21.51
N GLY A 145 3.91 21.71 21.62
CA GLY A 145 5.25 21.67 21.08
C GLY A 145 5.39 20.96 19.75
N THR A 146 4.30 20.53 19.10
CA THR A 146 4.41 19.70 17.90
C THR A 146 3.77 20.41 16.72
N ALA A 147 4.53 20.55 15.62
CA ALA A 147 4.09 21.20 14.40
C ALA A 147 3.89 20.19 13.28
N ALA A 148 2.95 20.47 12.37
CA ALA A 148 2.78 19.63 11.18
C ALA A 148 3.35 20.34 9.95
N LEU A 149 4.01 19.56 9.11
CA LEU A 149 4.43 20.09 7.83
C LEU A 149 4.22 18.99 6.80
N GLY A 150 4.19 19.35 5.53
CA GLY A 150 4.05 18.30 4.54
C GLY A 150 4.28 18.84 3.15
N CYS A 151 3.89 18.04 2.17
CA CYS A 151 3.93 18.54 0.81
C CYS A 151 2.77 17.96 0.04
N LEU A 152 2.24 18.79 -0.84
CA LEU A 152 1.11 18.45 -1.67
C LEU A 152 1.67 18.04 -3.03
N VAL A 153 1.35 16.83 -3.45
CA VAL A 153 1.85 16.26 -4.71
C VAL A 153 0.67 16.25 -5.68
N LYS A 154 0.68 17.18 -6.64
CA LYS A 154 -0.50 17.45 -7.46
C LYS A 154 -0.27 17.06 -8.93
N ASP A 155 -1.33 16.55 -9.57
CA ASP A 155 -1.40 16.41 -11.03
C ASP A 155 -0.39 15.43 -11.65
N TYR A 156 -0.42 14.15 -11.30
CA TYR A 156 0.48 13.20 -11.92
C TYR A 156 -0.33 12.03 -12.45
N PHE A 157 0.29 11.26 -13.34
CA PHE A 157 -0.34 10.09 -13.95
C PHE A 157 0.76 9.23 -14.53
N PRO A 158 0.70 7.88 -14.43
CA PRO A 158 -0.20 7.09 -13.56
C PRO A 158 0.27 7.08 -12.10
N GLU A 159 -0.43 6.38 -11.21
CA GLU A 159 0.15 6.01 -9.93
C GLU A 159 1.36 5.09 -10.17
N PRO A 160 2.26 4.95 -9.18
CA PRO A 160 2.27 5.53 -7.84
C PRO A 160 3.31 6.63 -7.73
N VAL A 161 3.20 7.50 -6.75
CA VAL A 161 4.36 8.23 -6.26
C VAL A 161 4.65 7.69 -4.86
N THR A 162 5.91 7.66 -4.52
CA THR A 162 6.30 7.38 -3.15
C THR A 162 6.94 8.64 -2.57
N VAL A 163 6.73 8.85 -1.26
CA VAL A 163 7.23 10.03 -0.58
C VAL A 163 8.03 9.56 0.64
N SER A 164 9.20 10.13 0.83
CA SER A 164 9.95 9.91 2.05
C SER A 164 10.32 11.28 2.58
N TRP A 165 10.78 11.31 3.82
CA TRP A 165 11.27 12.52 4.44
C TRP A 165 12.71 12.35 4.86
N ASN A 166 13.49 13.38 4.57
CA ASN A 166 14.91 13.41 4.88
C ASN A 166 15.56 12.10 4.42
N SER A 167 15.25 11.74 3.18
CA SER A 167 15.79 10.57 2.48
C SER A 167 15.50 9.26 3.21
N GLY A 168 14.39 9.17 3.91
CA GLY A 168 14.07 7.97 4.60
C GLY A 168 14.55 7.93 6.03
N ALA A 169 15.34 8.91 6.46
CA ALA A 169 15.78 8.96 7.87
C ALA A 169 14.65 9.27 8.83
N LEU A 170 13.60 9.94 8.36
CA LEU A 170 12.51 10.37 9.22
C LEU A 170 11.27 9.53 8.90
N THR A 171 10.88 8.68 9.84
CA THR A 171 9.77 7.79 9.53
C THR A 171 8.67 7.84 10.57
N SER A 172 8.96 8.03 11.83
CA SER A 172 7.81 8.05 12.70
C SER A 172 7.18 9.43 12.64
N GLY A 173 5.88 9.47 12.83
CA GLY A 173 5.14 10.69 12.59
C GLY A 173 4.79 11.01 11.15
N VAL A 174 5.19 10.17 10.19
CA VAL A 174 4.93 10.42 8.77
C VAL A 174 3.61 9.78 8.40
N HIS A 175 2.80 10.50 7.63
CA HIS A 175 1.61 9.91 7.05
C HIS A 175 1.60 10.30 5.59
N THR A 176 1.57 9.33 4.72
CA THR A 176 1.37 9.58 3.31
C THR A 176 0.01 9.03 2.95
N PHE A 177 -0.86 9.89 2.49
CA PHE A 177 -2.23 9.51 2.22
C PHE A 177 -2.40 8.78 0.88
N PRO A 178 -3.42 7.93 0.76
CA PRO A 178 -3.74 7.36 -0.53
C PRO A 178 -4.04 8.47 -1.54
N ALA A 179 -3.62 8.27 -2.78
CA ALA A 179 -3.87 9.28 -3.82
C ALA A 179 -5.36 9.36 -4.10
N VAL A 180 -5.80 10.56 -4.51
CA VAL A 180 -7.16 10.72 -5.01
C VAL A 180 -7.11 11.04 -6.49
N LEU A 181 -8.12 10.54 -7.20
CA LEU A 181 -8.30 10.80 -8.63
C LEU A 181 -9.11 12.07 -8.81
N GLN A 182 -8.52 13.07 -9.44
CA GLN A 182 -9.25 14.30 -9.63
C GLN A 182 -10.05 14.26 -10.93
N SER A 183 -10.94 15.23 -11.09
CA SER A 183 -11.87 15.16 -12.21
C SER A 183 -11.16 15.32 -13.54
N SER A 184 -9.95 15.89 -13.54
CA SER A 184 -9.09 15.96 -14.71
C SER A 184 -8.51 14.61 -15.11
N GLY A 185 -8.75 13.56 -14.34
CA GLY A 185 -8.10 12.27 -14.54
C GLY A 185 -6.67 12.19 -14.06
N LEU A 186 -6.17 13.20 -13.37
CA LEU A 186 -4.86 13.16 -12.75
C LEU A 186 -5.02 12.89 -11.25
N TYR A 187 -3.98 12.28 -10.65
CA TYR A 187 -3.94 11.97 -9.23
C TYR A 187 -3.31 13.08 -8.41
N SER A 188 -3.66 13.12 -7.11
CA SER A 188 -3.00 13.97 -6.15
C SER A 188 -2.92 13.25 -4.82
N LEU A 189 -1.87 13.54 -4.06
CA LEU A 189 -1.82 13.08 -2.69
C LEU A 189 -1.04 14.09 -1.87
N SER A 190 -1.03 13.86 -0.56
CA SER A 190 -0.24 14.68 0.33
C SER A 190 0.47 13.76 1.31
N SER A 191 1.56 14.26 1.87
CA SER A 191 2.31 13.54 2.89
C SER A 191 2.65 14.55 3.94
N VAL A 192 2.46 14.19 5.21
CA VAL A 192 2.71 15.12 6.32
C VAL A 192 3.61 14.46 7.34
N VAL A 193 4.29 15.28 8.09
CA VAL A 193 5.06 14.75 9.21
C VAL A 193 4.89 15.71 10.38
N THR A 194 4.78 15.17 11.59
CA THR A 194 4.73 16.01 12.77
C THR A 194 6.10 16.01 13.45
N VAL A 195 6.54 17.19 13.86
CA VAL A 195 7.88 17.39 14.41
C VAL A 195 7.79 18.42 15.53
N PRO A 196 8.71 18.36 16.49
CA PRO A 196 8.69 19.37 17.56
C PRO A 196 8.86 20.77 16.97
N SER A 197 7.90 21.64 17.25
N SER A 197 7.92 21.66 17.29
CA SER A 197 7.98 22.99 16.72
CA SER A 197 7.98 23.01 16.75
C SER A 197 9.27 23.72 17.13
C SER A 197 9.24 23.75 17.16
N SER A 198 9.93 23.29 18.21
CA SER A 198 11.18 23.93 18.60
C SER A 198 12.31 23.58 17.65
N SER A 199 12.14 22.55 16.84
CA SER A 199 13.18 22.16 15.89
C SER A 199 13.13 22.93 14.58
N LEU A 200 12.10 23.75 14.34
CA LEU A 200 11.93 24.34 13.00
C LEU A 200 12.96 25.42 12.70
N GLY A 201 13.54 26.05 13.71
CA GLY A 201 14.62 26.96 13.38
C GLY A 201 15.95 26.29 13.09
N THR A 202 16.08 25.00 13.37
CA THR A 202 17.39 24.37 13.32
C THR A 202 17.48 23.28 12.28
N GLN A 203 16.52 22.37 12.28
CA GLN A 203 16.57 21.17 11.47
C GLN A 203 15.98 21.45 10.10
N THR A 204 16.58 20.82 9.09
CA THR A 204 16.08 20.83 7.72
C THR A 204 15.10 19.68 7.53
N TYR A 205 13.94 19.97 6.97
CA TYR A 205 12.98 18.92 6.62
C TYR A 205 12.73 18.98 5.12
N ILE A 206 12.94 17.88 4.41
CA ILE A 206 12.85 17.83 2.97
C ILE A 206 11.94 16.66 2.59
N CYS A 207 10.92 16.92 1.80
CA CYS A 207 10.10 15.80 1.37
C CYS A 207 10.62 15.31 0.03
N ASN A 208 10.77 14.01 -0.09
CA ASN A 208 11.36 13.38 -1.27
C ASN A 208 10.27 12.67 -2.04
N VAL A 209 9.95 13.16 -3.22
CA VAL A 209 8.82 12.66 -4.01
C VAL A 209 9.35 11.94 -5.24
N ASN A 210 9.07 10.65 -5.38
CA ASN A 210 9.59 9.82 -6.46
C ASN A 210 8.46 9.36 -7.38
N HIS A 211 8.56 9.67 -8.66
CA HIS A 211 7.54 9.26 -9.65
C HIS A 211 8.24 8.43 -10.71
N LYS A 212 8.40 7.15 -10.41
CA LYS A 212 9.10 6.26 -11.33
C LYS A 212 8.49 6.22 -12.73
N PRO A 213 7.15 6.21 -12.91
CA PRO A 213 6.62 6.18 -14.29
C PRO A 213 7.13 7.29 -15.16
N SER A 214 7.44 8.46 -14.61
CA SER A 214 8.00 9.57 -15.40
C SER A 214 9.51 9.75 -15.14
N ASN A 215 10.13 8.84 -14.41
CA ASN A 215 11.56 8.91 -14.09
C ASN A 215 11.93 10.27 -13.49
N THR A 216 11.05 10.78 -12.62
CA THR A 216 11.21 12.08 -11.96
C THR A 216 11.30 11.90 -10.45
N LYS A 217 12.21 12.62 -9.84
CA LYS A 217 12.20 12.76 -8.40
C LYS A 217 12.22 14.25 -8.09
N VAL A 218 11.41 14.65 -7.10
CA VAL A 218 11.33 16.03 -6.65
C VAL A 218 11.68 16.05 -5.17
N ASP A 219 12.64 16.90 -4.79
CA ASP A 219 12.92 17.18 -3.38
C ASP A 219 12.56 18.62 -3.07
N LYS A 220 11.80 18.82 -2.00
CA LYS A 220 11.32 20.12 -1.59
C LYS A 220 11.68 20.32 -0.12
N LYS A 221 12.49 21.33 0.17
CA LYS A 221 12.76 21.74 1.57
C LYS A 221 11.54 22.51 2.05
N VAL A 222 10.89 22.05 3.13
CA VAL A 222 9.66 22.65 3.64
C VAL A 222 10.02 23.51 4.83
N GLU A 223 9.78 24.85 4.71
CA GLU A 223 10.24 25.83 5.71
C GLU A 223 9.07 26.50 6.41
N PRO A 224 9.23 26.95 7.66
CA PRO A 224 8.14 27.70 8.30
C PRO A 224 7.94 29.02 7.59
N LYS A 225 6.68 29.38 7.38
CA LYS A 225 6.35 30.58 6.60
C LYS A 225 6.42 31.87 7.44
N ASP B 1 -10.30 -25.49 -10.52
CA ASP B 1 -9.25 -25.25 -9.54
C ASP B 1 -9.73 -25.55 -8.10
N ILE B 2 -8.90 -25.27 -7.10
CA ILE B 2 -9.29 -25.42 -5.71
C ILE B 2 -9.69 -24.07 -5.16
N GLN B 3 -10.94 -23.92 -4.77
CA GLN B 3 -11.41 -22.65 -4.26
C GLN B 3 -11.07 -22.54 -2.78
N MET B 4 -10.42 -21.46 -2.39
CA MET B 4 -10.15 -21.22 -0.96
C MET B 4 -11.10 -20.15 -0.46
N THR B 5 -11.63 -20.35 0.75
CA THR B 5 -12.46 -19.33 1.39
C THR B 5 -11.91 -19.02 2.77
N GLN B 6 -12.16 -17.83 3.27
CA GLN B 6 -11.70 -17.50 4.61
C GLN B 6 -12.85 -16.93 5.43
N SER B 7 -12.77 -17.11 6.74
CA SER B 7 -13.75 -16.44 7.57
C SER B 7 -13.11 -16.00 8.88
N PRO B 8 -13.52 -14.84 9.40
CA PRO B 8 -14.45 -13.88 8.80
C PRO B 8 -13.71 -13.08 7.73
N SER B 9 -14.35 -12.21 6.94
CA SER B 9 -13.61 -11.39 5.97
C SER B 9 -12.87 -10.26 6.63
N SER B 10 -13.32 -9.86 7.81
CA SER B 10 -12.61 -8.89 8.61
C SER B 10 -13.05 -9.10 10.03
N LEU B 11 -12.22 -8.63 10.96
CA LEU B 11 -12.57 -8.63 12.38
C LEU B 11 -11.83 -7.50 13.05
N SER B 12 -12.36 -7.02 14.16
CA SER B 12 -11.61 -6.11 15.00
C SER B 12 -11.39 -6.81 16.32
N ALA B 13 -10.25 -6.56 16.95
CA ALA B 13 -9.96 -7.22 18.21
C ALA B 13 -9.06 -6.31 19.02
N SER B 14 -9.06 -6.48 20.34
CA SER B 14 -8.27 -5.53 21.12
C SER B 14 -6.85 -6.03 21.31
N VAL B 15 -5.96 -5.13 21.75
CA VAL B 15 -4.59 -5.53 22.00
C VAL B 15 -4.53 -6.54 23.13
N GLY B 16 -3.74 -7.61 22.95
CA GLY B 16 -3.70 -8.73 23.85
C GLY B 16 -4.70 -9.84 23.57
N ASP B 17 -5.68 -9.61 22.70
CA ASP B 17 -6.68 -10.63 22.44
C ASP B 17 -6.10 -11.82 21.69
N ARG B 18 -6.82 -12.94 21.73
CA ARG B 18 -6.47 -14.11 20.94
C ARG B 18 -7.40 -14.15 19.74
N VAL B 19 -6.82 -14.34 18.56
CA VAL B 19 -7.59 -14.18 17.33
C VAL B 19 -7.39 -15.41 16.49
N THR B 20 -8.47 -15.98 16.00
CA THR B 20 -8.38 -17.14 15.13
C THR B 20 -9.06 -16.83 13.80
N ILE B 21 -8.41 -17.22 12.71
CA ILE B 21 -8.90 -17.05 11.36
C ILE B 21 -9.00 -18.42 10.75
N THR B 22 -10.01 -18.63 9.91
CA THR B 22 -10.29 -19.92 9.31
C THR B 22 -10.10 -19.87 7.80
N CYS B 23 -9.54 -20.94 7.25
CA CYS B 23 -9.39 -21.13 5.82
C CYS B 23 -10.05 -22.45 5.49
N ARG B 24 -10.81 -22.50 4.39
CA ARG B 24 -11.40 -23.74 3.90
C ARG B 24 -11.03 -23.94 2.43
N ALA B 25 -10.71 -25.17 2.08
CA ALA B 25 -10.60 -25.59 0.69
C ALA B 25 -11.85 -26.38 0.27
N ASN B 26 -12.32 -26.23 -0.97
CA ASN B 26 -13.42 -27.07 -1.45
C ASN B 26 -12.93 -28.40 -2.00
N HIS B 27 -11.72 -28.80 -1.63
CA HIS B 27 -11.19 -30.10 -1.97
C HIS B 27 -10.00 -30.30 -1.06
N SER B 28 -9.76 -31.54 -0.62
CA SER B 28 -8.69 -31.75 0.35
C SER B 28 -7.33 -31.36 -0.23
N ILE B 29 -6.52 -30.67 0.57
CA ILE B 29 -5.19 -30.27 0.14
C ILE B 29 -4.10 -30.81 1.06
N SER B 30 -4.38 -31.89 1.78
CA SER B 30 -3.40 -32.53 2.67
C SER B 30 -2.82 -31.43 3.58
N SER B 31 -1.50 -31.30 3.68
CA SER B 31 -0.90 -30.25 4.48
C SER B 31 -0.32 -29.11 3.61
N TYR B 32 -0.69 -29.00 2.34
CA TYR B 32 -0.03 -28.08 1.39
C TYR B 32 -0.71 -26.72 1.46
N LEU B 33 -0.45 -26.00 2.55
CA LEU B 33 -1.23 -24.81 2.86
C LEU B 33 -0.33 -23.79 3.57
N ASN B 34 -0.26 -22.57 3.03
CA ASN B 34 0.59 -21.54 3.59
C ASN B 34 -0.26 -20.36 4.02
N TRP B 35 0.27 -19.60 4.98
CA TRP B 35 -0.36 -18.37 5.44
C TRP B 35 0.59 -17.20 5.22
N TYR B 36 0.08 -16.10 4.67
CA TYR B 36 0.86 -14.89 4.41
C TYR B 36 0.24 -13.71 5.12
N GLN B 37 1.09 -12.82 5.55
CA GLN B 37 0.64 -11.61 6.23
C GLN B 37 0.98 -10.45 5.29
N GLN B 38 -0.02 -9.66 4.91
CA GLN B 38 0.27 -8.51 4.06
C GLN B 38 -0.07 -7.23 4.82
N LYS B 39 0.93 -6.46 5.09
CA LYS B 39 0.73 -5.15 5.72
C LYS B 39 0.55 -4.09 4.64
N PRO B 40 -0.02 -2.93 4.98
CA PRO B 40 -0.32 -1.91 3.95
C PRO B 40 0.91 -1.47 3.15
N GLY B 41 0.75 -1.50 1.83
CA GLY B 41 1.80 -1.03 0.97
C GLY B 41 2.99 -1.95 0.84
N LYS B 42 2.96 -3.13 1.46
CA LYS B 42 4.03 -4.12 1.38
C LYS B 42 3.60 -5.37 0.62
N ALA B 43 4.61 -6.14 0.22
CA ALA B 43 4.38 -7.47 -0.32
C ALA B 43 3.95 -8.43 0.77
N PRO B 44 3.21 -9.48 0.43
CA PRO B 44 2.89 -10.52 1.41
C PRO B 44 4.17 -11.15 1.94
N LYS B 45 4.12 -11.58 3.21
CA LYS B 45 5.24 -12.18 3.90
C LYS B 45 4.79 -13.55 4.42
N LEU B 46 5.56 -14.58 4.10
CA LEU B 46 5.28 -15.94 4.53
C LEU B 46 5.36 -16.05 6.04
N LEU B 47 4.31 -16.53 6.67
CA LEU B 47 4.31 -16.76 8.12
C LEU B 47 4.29 -18.24 8.47
N ILE B 48 3.40 -19.02 7.84
CA ILE B 48 3.25 -20.45 8.10
C ILE B 48 3.35 -21.19 6.78
N TYR B 49 4.19 -22.24 6.74
CA TYR B 49 4.20 -23.14 5.58
C TYR B 49 3.88 -24.57 6.06
N ALA B 50 3.53 -25.44 5.11
CA ALA B 50 3.15 -26.84 5.40
C ALA B 50 2.13 -26.92 6.53
N ALA B 51 1.17 -25.99 6.51
CA ALA B 51 0.02 -25.94 7.40
C ALA B 51 0.38 -25.50 8.82
N SER B 52 1.48 -25.98 9.38
CA SER B 52 1.77 -25.73 10.80
C SER B 52 3.21 -25.32 11.15
N SER B 53 4.10 -25.21 10.17
CA SER B 53 5.48 -24.82 10.46
C SER B 53 5.65 -23.31 10.37
N LEU B 54 6.40 -22.74 11.32
CA LEU B 54 6.67 -21.31 11.37
C LEU B 54 7.85 -20.94 10.48
N GLN B 55 7.71 -19.86 9.71
CA GLN B 55 8.88 -19.29 9.04
C GLN B 55 9.92 -18.93 10.09
N SER B 56 11.20 -19.17 9.79
CA SER B 56 12.17 -19.24 10.87
C SER B 56 12.45 -17.91 11.55
N GLY B 57 12.18 -16.78 10.91
CA GLY B 57 12.39 -15.55 11.67
C GLY B 57 11.20 -15.10 12.53
N VAL B 58 10.07 -15.78 12.48
CA VAL B 58 8.88 -15.30 13.17
C VAL B 58 9.08 -15.59 14.65
N PRO B 59 8.75 -14.66 15.55
CA PRO B 59 8.91 -14.92 16.98
C PRO B 59 7.97 -16.02 17.47
N SER B 60 8.48 -16.86 18.36
CA SER B 60 7.70 -17.98 18.87
C SER B 60 6.53 -17.49 19.70
N PHE B 61 5.49 -18.32 19.77
CA PHE B 61 4.36 -18.17 20.67
C PHE B 61 3.46 -17.03 20.27
N ARG B 62 3.67 -16.45 19.10
CA ARG B 62 2.76 -15.42 18.63
C ARG B 62 1.84 -15.88 17.50
N PHE B 63 2.30 -16.76 16.63
CA PHE B 63 1.45 -17.29 15.58
C PHE B 63 1.51 -18.80 15.63
N SER B 64 0.39 -19.46 15.34
CA SER B 64 0.42 -20.89 15.10
C SER B 64 -0.62 -21.23 14.04
N GLY B 65 -0.36 -22.30 13.30
CA GLY B 65 -1.30 -22.79 12.33
C GLY B 65 -1.61 -24.25 12.57
N SER B 66 -2.84 -24.65 12.27
CA SER B 66 -3.26 -26.03 12.43
C SER B 66 -4.28 -26.39 11.36
N GLY B 67 -4.41 -27.69 11.17
CA GLY B 67 -5.39 -28.26 10.26
C GLY B 67 -4.74 -29.13 9.23
N SER B 68 -5.60 -29.82 8.46
CA SER B 68 -5.26 -30.76 7.41
C SER B 68 -6.49 -30.94 6.52
N GLY B 69 -6.27 -31.48 5.34
CA GLY B 69 -7.45 -31.77 4.53
C GLY B 69 -8.16 -30.54 3.99
N THR B 70 -9.25 -30.10 4.63
CA THR B 70 -9.95 -28.95 4.08
C THR B 70 -10.12 -27.81 5.04
N ASP B 71 -9.76 -27.96 6.30
CA ASP B 71 -10.05 -26.93 7.29
C ASP B 71 -8.78 -26.57 8.03
N PHE B 72 -8.46 -25.28 8.08
CA PHE B 72 -7.19 -24.81 8.62
C PHE B 72 -7.47 -23.55 9.42
N THR B 73 -6.66 -23.33 10.42
CA THR B 73 -6.79 -22.14 11.22
C THR B 73 -5.42 -21.52 11.40
N LEU B 74 -5.40 -20.19 11.38
CA LEU B 74 -4.26 -19.42 11.85
C LEU B 74 -4.66 -18.78 13.18
N THR B 75 -3.82 -18.90 14.19
CA THR B 75 -4.10 -18.30 15.49
C THR B 75 -3.02 -17.28 15.82
N ILE B 76 -3.47 -16.08 16.16
CA ILE B 76 -2.61 -15.02 16.66
C ILE B 76 -2.81 -14.96 18.17
N SER B 77 -1.74 -15.20 18.92
CA SER B 77 -1.76 -15.05 20.36
C SER B 77 -1.22 -13.69 20.71
N SER B 78 -1.86 -13.08 21.70
CA SER B 78 -1.52 -11.75 22.17
C SER B 78 -1.35 -10.80 20.97
N LEU B 79 -2.52 -10.48 20.38
CA LEU B 79 -2.58 -9.52 19.29
C LEU B 79 -1.86 -8.23 19.64
N GLN B 80 -1.02 -7.74 18.74
CA GLN B 80 -0.28 -6.50 18.91
C GLN B 80 -0.66 -5.50 17.82
N PRO B 81 -0.43 -4.21 18.04
CA PRO B 81 -0.76 -3.23 16.99
C PRO B 81 -0.10 -3.53 15.66
N GLU B 82 1.18 -3.94 15.66
CA GLU B 82 1.85 -4.29 14.43
C GLU B 82 1.24 -5.48 13.72
N ASP B 83 0.30 -6.22 14.34
CA ASP B 83 -0.32 -7.32 13.58
C ASP B 83 -1.45 -6.85 12.65
N PHE B 84 -1.68 -5.56 12.56
CA PHE B 84 -2.67 -5.07 11.61
C PHE B 84 -2.27 -5.42 10.18
N ALA B 85 -3.10 -6.18 9.48
CA ALA B 85 -2.69 -6.69 8.17
C ALA B 85 -3.85 -7.49 7.64
N THR B 86 -3.76 -7.85 6.36
CA THR B 86 -4.58 -8.85 5.74
C THR B 86 -3.84 -10.17 5.67
N TYR B 87 -4.52 -11.23 6.07
CA TYR B 87 -3.95 -12.56 6.19
C TYR B 87 -4.54 -13.43 5.11
N TYR B 88 -3.68 -14.08 4.30
CA TYR B 88 -4.13 -14.90 3.19
C TYR B 88 -3.69 -16.34 3.37
N CYS B 89 -4.57 -17.29 3.09
CA CYS B 89 -4.07 -18.64 3.00
C CYS B 89 -3.80 -18.96 1.53
N GLN B 90 -3.06 -20.01 1.27
CA GLN B 90 -2.75 -20.33 -0.12
C GLN B 90 -2.46 -21.82 -0.19
N GLN B 91 -3.03 -22.52 -1.17
CA GLN B 91 -2.78 -23.95 -1.31
C GLN B 91 -1.81 -24.24 -2.45
N SER B 92 -1.01 -25.29 -2.25
CA SER B 92 0.05 -25.73 -3.15
C SER B 92 -0.12 -27.18 -3.61
N TYR B 93 -1.31 -27.73 -3.48
CA TYR B 93 -1.50 -29.15 -3.79
C TYR B 93 -1.88 -29.36 -5.25
N TYR B 94 -2.81 -28.54 -5.76
CA TYR B 94 -3.25 -28.58 -7.16
C TYR B 94 -2.78 -27.31 -7.83
N THR B 95 -2.21 -27.46 -9.03
CA THR B 95 -1.97 -26.28 -9.83
C THR B 95 -3.24 -25.94 -10.64
N PRO B 96 -3.61 -24.67 -10.82
CA PRO B 96 -2.88 -23.45 -10.38
C PRO B 96 -3.01 -23.26 -8.89
N TRP B 97 -1.91 -22.80 -8.31
CA TRP B 97 -1.94 -22.39 -6.91
C TRP B 97 -2.98 -21.31 -6.71
N THR B 98 -3.68 -21.34 -5.58
CA THR B 98 -4.73 -20.36 -5.37
C THR B 98 -4.67 -19.82 -3.95
N PHE B 99 -4.98 -18.52 -3.82
CA PHE B 99 -5.02 -17.84 -2.55
C PHE B 99 -6.47 -17.70 -2.14
N GLY B 100 -6.69 -17.72 -0.82
CA GLY B 100 -7.95 -17.29 -0.27
C GLY B 100 -8.13 -15.79 -0.47
N PRO B 101 -9.34 -15.29 -0.23
CA PRO B 101 -9.62 -13.88 -0.49
C PRO B 101 -9.08 -12.94 0.57
N GLY B 102 -8.67 -13.46 1.73
CA GLY B 102 -7.97 -12.68 2.72
C GLY B 102 -8.87 -12.27 3.86
N THR B 103 -8.29 -12.15 5.04
CA THR B 103 -9.00 -11.69 6.22
C THR B 103 -8.29 -10.47 6.76
N LYS B 104 -8.98 -9.35 6.82
CA LYS B 104 -8.37 -8.16 7.37
C LYS B 104 -8.54 -8.16 8.90
N VAL B 105 -7.43 -7.96 9.62
CA VAL B 105 -7.42 -7.91 11.06
C VAL B 105 -7.24 -6.46 11.48
N ASP B 106 -8.27 -5.84 12.04
CA ASP B 106 -8.23 -4.48 12.56
C ASP B 106 -8.03 -4.50 14.08
N ILE B 107 -7.51 -3.40 14.63
CA ILE B 107 -7.26 -3.29 16.06
C ILE B 107 -8.27 -2.33 16.66
N LYS B 108 -8.91 -2.74 17.76
CA LYS B 108 -9.78 -1.91 18.58
C LYS B 108 -8.95 -1.19 19.63
N ARG B 109 -9.18 0.10 19.80
CA ARG B 109 -8.47 0.87 20.83
C ARG B 109 -9.42 1.91 21.41
N THR B 110 -8.95 2.69 22.39
CA THR B 110 -9.77 3.74 22.98
C THR B 110 -9.90 4.91 22.01
N VAL B 111 -11.00 5.69 22.14
CA VAL B 111 -11.16 6.85 21.28
C VAL B 111 -9.97 7.77 21.47
N ALA B 112 -9.66 8.50 20.40
CA ALA B 112 -8.62 9.51 20.40
C ALA B 112 -9.14 10.66 19.57
N ALA B 113 -9.09 11.87 20.11
CA ALA B 113 -9.56 12.95 19.26
C ALA B 113 -8.45 13.40 18.31
N PRO B 114 -8.79 13.91 17.13
CA PRO B 114 -7.76 14.30 16.16
C PRO B 114 -7.06 15.58 16.54
N SER B 115 -5.76 15.68 16.21
CA SER B 115 -5.12 17.00 16.12
C SER B 115 -5.45 17.55 14.73
N VAL B 116 -5.96 18.78 14.66
CA VAL B 116 -6.46 19.35 13.42
C VAL B 116 -5.56 20.51 13.01
N PHE B 117 -5.14 20.50 11.75
CA PHE B 117 -4.25 21.52 11.20
C PHE B 117 -4.76 21.94 9.84
N ILE B 118 -4.66 23.21 9.51
CA ILE B 118 -5.13 23.71 8.22
C ILE B 118 -3.99 24.48 7.56
N PHE B 119 -3.75 24.20 6.28
CA PHE B 119 -2.68 24.84 5.52
C PHE B 119 -3.25 25.67 4.38
N PRO B 120 -2.97 26.96 4.32
CA PRO B 120 -3.38 27.76 3.17
C PRO B 120 -2.58 27.38 1.94
N PRO B 121 -3.03 27.76 0.74
CA PRO B 121 -2.19 27.50 -0.47
C PRO B 121 -0.82 28.15 -0.34
N SER B 122 0.20 27.45 -0.82
CA SER B 122 1.51 28.06 -1.00
C SER B 122 1.47 29.19 -2.05
N ASP B 123 2.33 30.18 -1.87
CA ASP B 123 2.44 31.21 -2.90
C ASP B 123 2.98 30.62 -4.19
N GLU B 124 3.78 29.55 -4.09
CA GLU B 124 4.18 28.80 -5.28
C GLU B 124 2.99 28.35 -6.12
N GLN B 125 2.01 27.70 -5.48
CA GLN B 125 0.86 27.21 -6.24
C GLN B 125 0.03 28.37 -6.79
N LEU B 126 -0.11 29.43 -6.00
CA LEU B 126 -0.98 30.52 -6.42
C LEU B 126 -0.47 31.16 -7.71
N LYS B 127 0.86 31.33 -7.81
CA LYS B 127 1.49 31.78 -9.05
C LYS B 127 1.02 30.98 -10.25
N SER B 128 0.37 29.84 -10.02
CA SER B 128 -0.04 28.95 -11.09
C SER B 128 -1.54 28.95 -11.37
N GLY B 129 -2.33 29.75 -10.66
CA GLY B 129 -3.73 29.89 -11.03
C GLY B 129 -4.70 28.97 -10.32
N THR B 130 -4.24 28.10 -9.43
CA THR B 130 -5.15 27.35 -8.58
C THR B 130 -4.67 27.41 -7.13
N ALA B 131 -5.59 27.06 -6.24
CA ALA B 131 -5.37 27.20 -4.81
C ALA B 131 -5.94 25.94 -4.17
N SER B 132 -5.08 25.21 -3.47
CA SER B 132 -5.48 24.03 -2.73
C SER B 132 -5.35 24.37 -1.26
N VAL B 133 -6.44 24.24 -0.52
CA VAL B 133 -6.42 24.40 0.93
C VAL B 133 -6.46 23.01 1.54
N VAL B 134 -5.58 22.71 2.49
CA VAL B 134 -5.46 21.36 2.99
C VAL B 134 -5.79 21.34 4.48
N CYS B 135 -6.61 20.36 4.88
CA CYS B 135 -7.01 20.13 6.26
C CYS B 135 -6.49 18.77 6.67
N LEU B 136 -5.79 18.70 7.81
CA LEU B 136 -5.16 17.48 8.30
C LEU B 136 -5.77 17.11 9.65
N LEU B 137 -6.26 15.89 9.75
CA LEU B 137 -6.76 15.31 11.00
C LEU B 137 -5.79 14.21 11.40
N ASN B 138 -5.05 14.45 12.46
CA ASN B 138 -3.93 13.58 12.75
C ASN B 138 -4.23 12.67 13.95
N ASN B 139 -4.14 11.35 13.73
CA ASN B 139 -4.09 10.36 14.82
C ASN B 139 -5.34 10.32 15.66
N PHE B 140 -6.45 9.94 15.06
CA PHE B 140 -7.69 9.83 15.80
C PHE B 140 -8.25 8.43 15.68
N TYR B 141 -9.29 8.18 16.48
CA TYR B 141 -9.97 6.88 16.56
C TYR B 141 -11.34 7.17 17.18
N PRO B 142 -12.42 6.58 16.69
CA PRO B 142 -12.54 5.62 15.57
C PRO B 142 -12.49 6.30 14.20
N ARG B 143 -12.65 5.55 13.11
CA ARG B 143 -12.38 6.09 11.78
C ARG B 143 -13.44 7.09 11.31
N GLU B 144 -14.70 6.82 11.62
CA GLU B 144 -15.81 7.61 11.06
C GLU B 144 -15.75 9.07 11.54
N ALA B 145 -15.81 9.99 10.58
CA ALA B 145 -15.78 11.42 10.90
C ALA B 145 -16.32 12.15 9.70
N LYS B 146 -17.08 13.18 9.96
CA LYS B 146 -17.59 14.09 8.94
C LYS B 146 -16.65 15.30 8.87
N VAL B 147 -16.16 15.62 7.66
CA VAL B 147 -15.29 16.77 7.48
C VAL B 147 -15.98 17.74 6.53
N GLN B 148 -16.07 19.00 6.93
CA GLN B 148 -16.76 20.01 6.14
C GLN B 148 -15.89 21.26 6.00
N TRP B 149 -16.03 21.93 4.86
CA TRP B 149 -15.31 23.17 4.58
C TRP B 149 -16.27 24.35 4.60
N LYS B 150 -15.81 25.47 5.15
CA LYS B 150 -16.57 26.71 5.15
C LYS B 150 -15.68 27.83 4.64
N VAL B 151 -16.20 28.62 3.71
CA VAL B 151 -15.48 29.74 3.16
C VAL B 151 -16.33 30.96 3.48
N ASP B 152 -15.76 31.93 4.19
CA ASP B 152 -16.52 33.05 4.72
C ASP B 152 -17.82 32.55 5.33
N ASN B 153 -17.69 31.57 6.23
CA ASN B 153 -18.80 30.90 6.89
C ASN B 153 -19.84 30.19 6.00
N ALA B 154 -19.68 30.16 4.68
CA ALA B 154 -20.60 29.41 3.81
C ALA B 154 -20.08 27.99 3.54
N LEU B 155 -20.96 27.02 3.69
CA LEU B 155 -20.60 25.62 3.60
C LEU B 155 -20.35 25.19 2.16
N GLN B 156 -19.28 24.44 1.93
CA GLN B 156 -18.89 24.04 0.59
C GLN B 156 -19.39 22.65 0.26
N SER B 157 -19.56 22.39 -1.05
CA SER B 157 -19.97 21.08 -1.55
C SER B 157 -19.37 20.86 -2.92
N GLY B 158 -18.92 19.63 -3.18
CA GLY B 158 -18.42 19.26 -4.49
C GLY B 158 -17.06 19.81 -4.91
N ASN B 159 -16.38 20.61 -4.10
CA ASN B 159 -15.07 21.08 -4.51
C ASN B 159 -13.96 20.63 -3.56
N SER B 160 -14.14 19.52 -2.84
CA SER B 160 -13.08 18.96 -2.01
C SER B 160 -13.01 17.44 -2.14
N GLN B 161 -11.83 16.88 -1.84
CA GLN B 161 -11.71 15.44 -1.75
C GLN B 161 -10.95 15.08 -0.49
N GLU B 162 -11.13 13.84 -0.05
CA GLU B 162 -10.51 13.44 1.18
C GLU B 162 -9.92 12.04 1.03
N SER B 163 -8.94 11.75 1.89
CA SER B 163 -8.17 10.51 1.88
C SER B 163 -7.87 10.09 3.32
N VAL B 164 -8.00 8.78 3.65
CA VAL B 164 -7.75 8.27 5.00
C VAL B 164 -6.63 7.23 4.94
N THR B 165 -5.71 7.29 5.90
CA THR B 165 -4.71 6.25 6.02
C THR B 165 -5.34 4.96 6.54
N GLU B 166 -4.61 3.87 6.36
CA GLU B 166 -4.95 2.69 7.13
C GLU B 166 -4.51 2.88 8.59
N GLN B 167 -4.98 2.00 9.49
CA GLN B 167 -4.59 2.08 10.89
C GLN B 167 -3.09 2.07 11.03
N ASP B 168 -2.60 2.96 11.86
CA ASP B 168 -1.18 3.03 12.16
C ASP B 168 -0.69 1.74 12.83
N SER B 169 0.48 1.26 12.42
CA SER B 169 0.93 -0.03 12.96
C SER B 169 1.49 0.07 14.39
N LYS B 170 1.68 1.27 14.93
CA LYS B 170 2.16 1.44 16.31
C LYS B 170 1.07 1.86 17.28
N ASP B 171 0.23 2.86 16.95
CA ASP B 171 -0.79 3.32 17.90
C ASP B 171 -2.20 3.10 17.41
N SER B 172 -2.39 2.48 16.25
CA SER B 172 -3.67 1.98 15.75
C SER B 172 -4.67 3.12 15.47
N THR B 173 -4.19 4.33 15.26
CA THR B 173 -5.09 5.43 14.93
C THR B 173 -5.15 5.60 13.40
N TYR B 174 -6.03 6.48 12.97
CA TYR B 174 -6.18 6.88 11.58
C TYR B 174 -5.73 8.31 11.42
N SER B 175 -5.42 8.69 10.19
CA SER B 175 -5.29 10.10 9.91
C SER B 175 -6.01 10.37 8.61
N LEU B 176 -6.32 11.64 8.39
CA LEU B 176 -7.15 11.98 7.26
C LEU B 176 -6.75 13.36 6.74
N SER B 177 -6.82 13.53 5.42
CA SER B 177 -6.54 14.82 4.83
C SER B 177 -7.68 15.16 3.88
N SER B 178 -8.10 16.41 3.89
CA SER B 178 -9.13 16.87 2.98
C SER B 178 -8.56 18.07 2.22
N THR B 179 -8.83 18.15 0.93
CA THR B 179 -8.29 19.22 0.10
C THR B 179 -9.44 19.91 -0.59
N LEU B 180 -9.55 21.21 -0.36
CA LEU B 180 -10.48 22.10 -1.07
C LEU B 180 -9.74 22.76 -2.23
N THR B 181 -10.28 22.62 -3.44
CA THR B 181 -9.62 23.15 -4.63
C THR B 181 -10.44 24.30 -5.22
N LEU B 182 -9.80 25.45 -5.40
CA LEU B 182 -10.46 26.61 -5.97
C LEU B 182 -9.55 27.20 -7.03
N SER B 183 -10.15 28.01 -7.90
CA SER B 183 -9.36 28.89 -8.76
C SER B 183 -8.68 29.93 -7.90
N LYS B 184 -7.49 30.38 -8.34
CA LYS B 184 -6.84 31.51 -7.68
C LYS B 184 -7.80 32.69 -7.58
N ALA B 185 -8.52 32.97 -8.65
CA ALA B 185 -9.51 34.06 -8.65
C ALA B 185 -10.52 33.88 -7.50
N ASP B 186 -11.14 32.71 -7.44
CA ASP B 186 -12.08 32.41 -6.36
C ASP B 186 -11.43 32.58 -4.99
N TYR B 187 -10.22 32.06 -4.84
CA TYR B 187 -9.56 32.08 -3.55
C TYR B 187 -9.35 33.50 -3.05
N GLU B 188 -9.05 34.44 -3.93
CA GLU B 188 -8.74 35.78 -3.47
C GLU B 188 -9.99 36.65 -3.29
N LYS B 189 -11.18 36.13 -3.55
CA LYS B 189 -12.42 36.84 -3.22
C LYS B 189 -12.93 36.58 -1.81
N HIS B 190 -12.20 35.87 -0.96
CA HIS B 190 -12.81 35.51 0.31
C HIS B 190 -11.78 35.62 1.41
N LYS B 191 -12.23 35.75 2.66
CA LYS B 191 -11.26 35.97 3.72
C LYS B 191 -11.07 34.76 4.62
N VAL B 192 -12.14 34.16 5.11
CA VAL B 192 -12.01 33.17 6.18
C VAL B 192 -12.10 31.79 5.57
N TYR B 193 -11.08 30.97 5.78
CA TYR B 193 -11.13 29.58 5.36
C TYR B 193 -11.18 28.70 6.61
N ALA B 194 -12.10 27.72 6.62
CA ALA B 194 -12.30 26.90 7.82
C ALA B 194 -12.61 25.46 7.48
N CYS B 195 -12.02 24.57 8.23
CA CYS B 195 -12.23 23.13 8.11
C CYS B 195 -12.82 22.65 9.43
N GLU B 196 -13.97 21.95 9.36
CA GLU B 196 -14.71 21.50 10.54
C GLU B 196 -14.84 19.98 10.53
N VAL B 197 -14.45 19.37 11.63
CA VAL B 197 -14.46 17.92 11.80
C VAL B 197 -15.44 17.58 12.92
N THR B 198 -16.31 16.61 12.67
CA THR B 198 -17.33 16.20 13.62
C THR B 198 -17.22 14.71 13.90
N GLN B 199 -17.19 14.35 15.18
CA GLN B 199 -17.28 12.95 15.60
C GLN B 199 -18.22 12.88 16.78
N GLY B 200 -19.32 12.17 16.63
CA GLY B 200 -20.27 12.08 17.73
C GLY B 200 -20.84 13.45 18.07
N THR B 201 -20.64 13.91 19.30
CA THR B 201 -21.23 15.18 19.75
C THR B 201 -20.25 16.34 19.75
N THR B 202 -19.06 16.23 19.12
CA THR B 202 -18.06 17.28 19.20
C THR B 202 -17.64 17.66 17.79
N SER B 203 -17.58 18.96 17.52
CA SER B 203 -17.02 19.49 16.29
C SER B 203 -15.83 20.37 16.63
N VAL B 204 -14.76 20.24 15.87
CA VAL B 204 -13.62 21.14 15.96
C VAL B 204 -13.42 21.82 14.62
N THR B 205 -13.29 23.14 14.65
CA THR B 205 -13.03 23.92 13.45
C THR B 205 -11.69 24.59 13.59
N LYS B 206 -10.81 24.42 12.60
CA LYS B 206 -9.63 25.28 12.46
C LYS B 206 -9.80 26.19 11.25
N SER B 207 -9.29 27.42 11.37
CA SER B 207 -9.49 28.40 10.32
C SER B 207 -8.23 29.25 10.17
N PHE B 208 -8.17 29.96 9.07
CA PHE B 208 -7.19 31.04 8.91
C PHE B 208 -7.85 32.17 8.13
N ASN B 209 -7.27 33.37 8.19
CA ASN B 209 -7.66 34.52 7.38
C ASN B 209 -6.69 34.70 6.22
N ARG B 210 -7.21 34.86 5.01
CA ARG B 210 -6.33 34.90 3.86
C ARG B 210 -5.32 36.04 3.97
N GLY B 211 -5.73 37.16 4.53
CA GLY B 211 -4.81 38.26 4.79
C GLY B 211 -3.58 37.94 5.65
N GLU B 212 -3.80 37.47 6.87
CA GLU B 212 -2.72 37.22 7.83
C GLU B 212 -1.85 36.06 7.40
N PCA C 1 5.10 -24.92 -10.93
CA PCA C 1 5.96 -26.09 -10.86
CB PCA C 1 6.86 -25.93 -9.63
CG PCA C 1 6.60 -24.49 -9.19
CD PCA C 1 5.43 -23.99 -10.00
OE PCA C 1 4.87 -22.91 -9.79
C PCA C 1 5.11 -27.41 -10.78
O PCA C 1 3.85 -27.37 -10.70
N PRO C 2 5.77 -28.57 -10.77
CA PRO C 2 4.94 -29.78 -10.86
C PRO C 2 4.17 -30.03 -9.58
N ALA C 3 2.86 -30.25 -9.69
CA ALA C 3 2.02 -30.43 -8.51
C ALA C 3 1.93 -31.90 -8.11
N ASP C 4 1.88 -32.14 -6.79
CA ASP C 4 1.63 -33.48 -6.28
C ASP C 4 0.14 -33.87 -6.41
N GLY C 5 -0.76 -32.91 -6.39
CA GLY C 5 -2.17 -33.27 -6.40
C GLY C 5 -2.74 -33.59 -7.78
N ASN C 6 -2.32 -32.85 -8.81
CA ASN C 6 -2.79 -33.10 -10.18
C ASN C 6 -1.60 -33.08 -11.15
N PRO C 7 -0.75 -34.11 -11.11
CA PRO C 7 0.48 -34.09 -11.92
C PRO C 7 0.27 -34.21 -13.44
N ASP C 8 -0.96 -34.43 -13.92
CA ASP C 8 -1.22 -34.33 -15.38
C ASP C 8 -0.90 -32.93 -15.94
C1 NAG D . -13.97 -26.07 -6.28
C2 NAG D . -14.38 -27.23 -7.22
C3 NAG D . -13.93 -26.92 -8.64
C4 NAG D . -14.40 -25.55 -9.10
C5 NAG D . -13.98 -24.56 -8.03
C6 NAG D . -14.39 -23.15 -8.34
C7 NAG D . -14.67 -29.32 -6.22
C8 NAG D . -14.04 -30.61 -5.78
N2 NAG D . -13.83 -28.47 -6.78
O3 NAG D . -14.38 -27.96 -9.46
O4 NAG D . -13.62 -25.26 -10.22
O5 NAG D . -14.54 -24.90 -6.80
O6 NAG D . -15.70 -23.22 -8.80
O7 NAG D . -15.87 -29.03 -6.09
C1 NAG D . -14.30 -25.45 -11.46
C2 NAG D . -13.62 -24.56 -12.49
C3 NAG D . -14.32 -24.69 -13.85
C4 NAG D . -14.41 -26.16 -14.25
C5 NAG D . -14.97 -26.95 -13.06
C6 NAG D . -15.18 -28.43 -13.32
C7 NAG D . -12.39 -22.56 -11.77
C8 NAG D . -12.49 -21.14 -11.24
N2 NAG D . -13.56 -23.21 -12.01
O3 NAG D . -13.56 -23.97 -14.76
O4 NAG D . -15.29 -26.27 -15.35
O5 NAG D . -14.19 -26.77 -11.90
O6 NAG D . -16.28 -28.75 -12.51
O7 NAG D . -11.29 -23.09 -11.96
C1 BMA D . -14.54 -26.63 -16.51
C2 BMA D . -15.51 -27.24 -17.52
C3 BMA D . -14.76 -27.41 -18.88
C4 BMA D . -14.02 -26.13 -19.30
C5 BMA D . -13.11 -25.63 -18.19
C6 BMA D . -12.31 -24.37 -18.49
O2 BMA D . -16.69 -26.45 -17.50
O3 BMA D . -15.68 -27.82 -19.87
O4 BMA D . -13.32 -26.42 -20.48
O5 BMA D . -13.90 -25.47 -17.03
O6 BMA D . -13.21 -23.37 -18.88
C1 MAN D . -15.54 -29.21 -20.25
C2 MAN D . -16.30 -29.41 -21.59
C3 MAN D . -17.83 -29.41 -21.37
C4 MAN D . -18.22 -30.34 -20.22
C5 MAN D . -17.46 -29.82 -19.00
C6 MAN D . -17.87 -30.49 -17.69
O2 MAN D . -15.83 -30.61 -22.17
O3 MAN D . -18.44 -29.78 -22.57
O4 MAN D . -19.62 -30.30 -20.05
O5 MAN D . -16.07 -30.03 -19.25
O6 MAN D . -17.78 -29.53 -16.66
C1 MAN D . -12.64 -22.03 -18.97
C2 MAN D . -13.72 -21.10 -19.60
C3 MAN D . -13.90 -21.50 -21.07
C4 MAN D . -12.55 -21.42 -21.81
C5 MAN D . -11.50 -22.32 -21.15
C6 MAN D . -10.14 -22.05 -21.75
O2 MAN D . -13.46 -19.71 -19.38
O3 MAN D . -14.92 -20.71 -21.64
O4 MAN D . -12.70 -21.85 -23.14
O5 MAN D . -11.44 -22.03 -19.74
O6 MAN D . -9.23 -23.05 -21.33
C1 FUC D . -16.38 -22.04 -8.33
C2 FUC D . -17.57 -21.84 -9.26
C3 FUC D . -18.60 -22.95 -9.09
C4 FUC D . -18.85 -23.41 -7.64
C5 FUC D . -17.55 -23.41 -6.80
C6 FUC D . -17.72 -23.65 -5.30
O2 FUC D . -17.05 -21.81 -10.56
O3 FUC D . -19.77 -22.48 -9.71
O4 FUC D . -19.89 -22.62 -7.09
O5 FUC D . -16.82 -22.18 -7.00
#